data_2ARH
#
_entry.id   2ARH
#
_cell.length_a   121.611
_cell.length_b   121.611
_cell.length_c   102.071
_cell.angle_alpha   90.00
_cell.angle_beta   90.00
_cell.angle_gamma   120.00
#
_symmetry.space_group_name_H-M   'P 31 2 1'
#
loop_
_entity.id
_entity.type
_entity.pdbx_description
1 polymer 'hypothetical protein aq_1966'
2 non-polymer 'SULFATE ION'
3 non-polymer 'CALCIUM ION'
4 non-polymer 'SELENIUM ATOM'
5 water water
#
_entity_poly.entity_id   1
_entity_poly.type   'polypeptide(L)'
_entity_poly.pdbx_seq_one_letter_code
;DA(MSE)VKYEELLKTLENGINSEEGEIRLVRKSQGRFKEEFNFDLSLGSKPLLTLKVFLGRKPYWQPWVEVFGVNPNLR
NVFFGSEAERKLYEFLSEHFGRIFVEYFEDKETTYELQKGVPPALSRLGFELLKLGYTYFRDWFIPEGL(MSE)EGGHKI
QAEKPKTEEAKKRHLENLKKEFEEFIGKCEDEGLIKKVKERYNFLEHEGSS
;
_entity_poly.pdbx_strand_id   A,B,C
#
# COMPACT_ATOMS: atom_id res chain seq x y z
N ASP A 1 19.12 -22.46 -3.31
CA ASP A 1 18.59 -22.53 -1.91
C ASP A 1 18.62 -21.16 -1.25
N ALA A 2 17.51 -20.89 -0.55
CA ALA A 2 17.35 -19.78 0.33
C ALA A 2 18.40 -19.71 1.44
N VAL A 4 21.82 -21.17 1.41
CA VAL A 4 23.11 -20.81 0.81
C VAL A 4 23.17 -19.28 0.67
N LYS A 5 22.27 -18.71 -0.12
CA LYS A 5 22.08 -17.27 -0.26
C LYS A 5 22.14 -16.53 1.08
N TYR A 6 21.28 -16.93 2.03
CA TYR A 6 21.28 -16.36 3.38
C TYR A 6 22.68 -16.25 4.01
N GLU A 7 23.44 -17.34 3.92
CA GLU A 7 24.74 -17.51 4.53
C GLU A 7 25.79 -16.68 3.84
N GLU A 8 25.69 -16.59 2.51
CA GLU A 8 26.48 -15.66 1.69
C GLU A 8 26.23 -14.18 2.05
N LEU A 9 24.98 -13.84 2.36
CA LEU A 9 24.62 -12.46 2.70
C LEU A 9 25.25 -12.03 4.01
N LEU A 10 25.10 -12.85 5.04
CA LEU A 10 25.69 -12.61 6.36
C LEU A 10 27.19 -12.50 6.32
N LYS A 11 27.82 -13.43 5.62
CA LYS A 11 29.27 -13.49 5.55
C LYS A 11 29.85 -12.16 5.02
N THR A 12 29.39 -11.70 3.86
CA THR A 12 29.98 -10.48 3.31
C THR A 12 29.49 -9.22 4.02
N LEU A 13 28.28 -9.24 4.58
CA LEU A 13 27.76 -8.09 5.32
C LEU A 13 28.36 -7.92 6.73
N GLU A 14 28.69 -9.06 7.34
CA GLU A 14 29.33 -9.11 8.66
C GLU A 14 30.85 -8.92 8.57
N ASN A 15 31.48 -9.46 7.52
CA ASN A 15 32.84 -9.02 7.17
C ASN A 15 32.88 -7.50 6.93
N GLY A 16 31.88 -6.98 6.22
CA GLY A 16 31.75 -5.56 5.96
C GLY A 16 32.15 -5.21 4.54
N ILE A 17 31.45 -4.26 3.91
CA ILE A 17 31.87 -3.76 2.60
C ILE A 17 32.59 -2.44 2.79
N ASN A 18 33.87 -2.43 2.43
CA ASN A 18 34.72 -1.25 2.57
C ASN A 18 34.42 -0.20 1.52
N SER A 19 34.32 1.05 1.96
CA SER A 19 34.17 2.16 1.04
C SER A 19 34.94 3.34 1.61
N GLU A 20 35.06 4.42 0.84
CA GLU A 20 35.81 5.56 1.33
C GLU A 20 34.92 6.32 2.28
N GLU A 21 33.65 6.00 2.23
CA GLU A 21 32.70 6.63 3.10
C GLU A 21 32.65 5.88 4.44
N GLY A 22 33.25 4.68 4.50
CA GLY A 22 33.21 3.84 5.70
C GLY A 22 32.86 2.38 5.43
N GLU A 23 32.98 1.58 6.47
CA GLU A 23 32.69 0.16 6.34
C GLU A 23 31.18 -0.03 6.51
N ILE A 24 30.54 -0.70 5.56
CA ILE A 24 29.11 -1.05 5.64
C ILE A 24 28.98 -2.44 6.27
N ARG A 25 28.34 -2.47 7.44
CA ARG A 25 28.14 -3.68 8.24
C ARG A 25 26.66 -3.98 8.57
N LEU A 26 26.38 -5.26 8.75
CA LEU A 26 25.09 -5.74 9.17
C LEU A 26 25.12 -5.62 10.66
N VAL A 27 24.21 -4.85 11.24
CA VAL A 27 24.23 -4.67 12.69
C VAL A 27 23.04 -5.24 13.45
N ARG A 28 22.03 -5.70 12.69
CA ARG A 28 20.80 -6.25 13.23
C ARG A 28 20.00 -6.99 12.17
N LYS A 29 19.40 -8.10 12.59
CA LYS A 29 18.55 -8.97 11.78
C LYS A 29 17.25 -9.25 12.52
N SER A 30 16.13 -9.08 11.84
CA SER A 30 14.87 -9.61 12.33
C SER A 30 14.03 -10.31 11.27
N GLN A 31 13.54 -11.50 11.63
CA GLN A 31 12.53 -12.25 10.87
C GLN A 31 11.35 -11.35 10.47
N GLY A 32 11.03 -11.32 9.18
CA GLY A 32 9.77 -10.71 8.72
C GLY A 32 8.55 -11.60 8.80
N ARG A 33 7.48 -11.19 8.14
CA ARG A 33 6.24 -11.99 8.17
C ARG A 33 6.31 -13.34 7.45
N PHE A 34 7.14 -13.48 6.42
CA PHE A 34 7.26 -14.74 5.71
C PHE A 34 8.57 -15.35 6.12
N LYS A 35 8.73 -16.65 5.93
CA LYS A 35 9.86 -17.37 6.50
C LYS A 35 11.22 -16.98 5.93
N GLU A 36 11.25 -16.66 4.64
CA GLU A 36 12.52 -16.32 3.96
C GLU A 36 12.77 -14.81 3.87
N GLU A 37 12.00 -14.07 4.69
CA GLU A 37 12.03 -12.62 4.75
C GLU A 37 12.65 -12.09 6.04
N PHE A 38 13.62 -11.20 5.86
CA PHE A 38 14.34 -10.57 6.96
C PHE A 38 14.53 -9.06 6.76
N ASN A 39 14.60 -8.30 7.85
CA ASN A 39 15.14 -6.94 7.81
C ASN A 39 16.62 -6.99 8.19
N PHE A 40 17.49 -6.43 7.36
CA PHE A 40 18.92 -6.39 7.65
C PHE A 40 19.23 -4.91 7.83
N ASP A 41 19.46 -4.52 9.07
CA ASP A 41 19.82 -3.18 9.42
C ASP A 41 21.30 -3.03 9.19
N LEU A 42 21.67 -1.98 8.45
CA LEU A 42 23.05 -1.74 8.08
C LEU A 42 23.53 -0.42 8.65
N SER A 43 24.73 -0.44 9.17
CA SER A 43 25.40 0.80 9.54
C SER A 43 26.54 1.15 8.57
N LEU A 44 26.80 2.44 8.45
CA LEU A 44 27.96 2.97 7.70
C LEU A 44 28.90 3.58 8.75
N GLY A 45 30.10 3.02 8.86
CA GLY A 45 30.93 3.29 9.99
C GLY A 45 30.11 2.89 11.20
N SER A 46 29.72 3.91 11.96
CA SER A 46 29.16 3.75 13.28
C SER A 46 27.75 4.33 13.29
N LYS A 47 27.38 5.00 12.21
CA LYS A 47 26.03 5.54 12.03
C LYS A 47 25.05 4.53 11.33
N PRO A 48 23.77 4.53 11.72
CA PRO A 48 22.81 3.67 10.97
C PRO A 48 22.79 4.12 9.50
N LEU A 49 22.87 3.19 8.57
CA LEU A 49 22.88 3.56 7.14
C LEU A 49 21.47 3.41 6.58
N LEU A 50 20.98 2.17 6.59
CA LEU A 50 19.71 1.81 6.01
C LEU A 50 19.29 0.38 6.39
N THR A 51 18.09 0.03 5.94
CA THR A 51 17.53 -1.30 6.07
C THR A 51 17.40 -1.98 4.69
N LEU A 52 17.92 -3.21 4.63
CA LEU A 52 17.67 -4.16 3.56
C LEU A 52 16.56 -5.11 3.98
N LYS A 53 15.38 -5.04 3.33
CA LYS A 53 14.42 -6.12 3.46
C LYS A 53 14.75 -7.19 2.40
N VAL A 54 15.18 -8.36 2.85
CA VAL A 54 15.63 -9.41 1.95
C VAL A 54 14.57 -10.49 1.88
N PHE A 55 14.29 -10.97 0.67
CA PHE A 55 13.41 -12.12 0.54
C PHE A 55 14.21 -13.12 -0.18
N LEU A 56 14.46 -14.23 0.50
CA LEU A 56 15.50 -15.17 0.06
C LEU A 56 15.07 -16.03 -1.09
N GLY A 57 13.77 -16.13 -1.35
CA GLY A 57 13.21 -17.02 -2.40
C GLY A 57 12.50 -18.24 -1.81
N ARG A 58 11.45 -18.71 -2.48
CA ARG A 58 10.77 -19.98 -2.20
C ARG A 58 10.40 -20.45 -3.59
N LYS A 59 11.40 -20.91 -4.31
CA LYS A 59 11.24 -21.15 -5.73
C LYS A 59 10.48 -22.48 -5.84
N PRO A 60 9.70 -22.68 -6.94
CA PRO A 60 9.36 -21.75 -8.04
C PRO A 60 8.27 -20.74 -7.71
N TYR A 61 7.69 -20.82 -6.49
CA TYR A 61 6.57 -20.01 -6.12
C TYR A 61 6.90 -18.51 -6.02
N TRP A 62 7.97 -18.17 -5.28
CA TRP A 62 8.42 -16.78 -5.13
C TRP A 62 9.94 -16.66 -5.38
N GLN A 63 10.30 -15.76 -6.31
CA GLN A 63 11.68 -15.43 -6.65
C GLN A 63 12.25 -14.54 -5.58
N PRO A 64 13.58 -14.63 -5.34
CA PRO A 64 14.21 -13.68 -4.37
C PRO A 64 14.07 -12.20 -4.77
N TRP A 65 14.01 -11.33 -3.78
CA TRP A 65 14.04 -9.89 -4.02
C TRP A 65 14.67 -9.18 -2.80
N VAL A 66 15.23 -7.98 -3.02
CA VAL A 66 15.79 -7.16 -1.93
C VAL A 66 15.22 -5.76 -2.08
N GLU A 67 14.81 -5.20 -0.96
CA GLU A 67 14.26 -3.87 -0.91
C GLU A 67 15.22 -2.99 -0.12
N VAL A 68 15.79 -1.98 -0.74
CA VAL A 68 16.58 -1.00 0.03
C VAL A 68 15.82 0.27 0.32
N PHE A 69 15.57 0.49 1.59
CA PHE A 69 14.74 1.57 2.07
C PHE A 69 15.30 2.10 3.40
N GLY A 70 14.75 3.21 3.86
CA GLY A 70 15.00 3.73 5.22
C GLY A 70 16.40 4.30 5.34
N VAL A 71 16.81 4.99 4.29
CA VAL A 71 18.11 5.66 4.31
C VAL A 71 18.13 6.73 5.41
N ASN A 72 19.11 6.64 6.29
CA ASN A 72 19.34 7.68 7.29
C ASN A 72 19.30 9.08 6.66
N PRO A 73 18.30 9.91 7.03
CA PRO A 73 18.14 11.22 6.41
C PRO A 73 19.35 12.13 6.59
N ASN A 74 20.14 11.93 7.65
CA ASN A 74 21.33 12.71 7.80
C ASN A 74 22.59 12.10 7.08
N LEU A 75 22.36 11.04 6.30
CA LEU A 75 23.41 10.45 5.47
C LEU A 75 23.09 10.45 3.97
N ARG A 76 22.02 11.12 3.55
CA ARG A 76 21.56 11.08 2.16
C ARG A 76 22.56 11.67 1.11
N ASN A 77 23.06 12.87 1.42
CA ASN A 77 24.06 13.55 0.60
C ASN A 77 25.44 12.85 0.70
N VAL A 78 25.57 11.90 1.61
CA VAL A 78 26.82 11.13 1.73
C VAL A 78 26.71 9.85 0.93
N PHE A 79 25.54 9.21 1.00
CA PHE A 79 25.34 7.87 0.43
C PHE A 79 25.09 7.85 -1.09
N PHE A 80 24.10 8.60 -1.56
CA PHE A 80 23.73 8.60 -2.99
C PHE A 80 24.85 9.18 -3.84
N GLY A 81 25.31 8.39 -4.80
CA GLY A 81 26.44 8.72 -5.68
C GLY A 81 27.81 8.29 -5.17
N SER A 82 27.88 7.76 -3.95
CA SER A 82 29.15 7.36 -3.36
C SER A 82 29.68 6.02 -3.90
N GLU A 83 30.95 5.72 -3.64
CA GLU A 83 31.48 4.36 -3.82
C GLU A 83 30.73 3.32 -2.92
N ALA A 84 30.19 3.78 -1.80
CA ALA A 84 29.47 2.92 -0.87
C ALA A 84 28.18 2.40 -1.51
N GLU A 85 27.42 3.31 -2.07
CA GLU A 85 26.20 2.98 -2.76
C GLU A 85 26.42 1.99 -3.92
N ARG A 86 27.43 2.27 -4.75
CA ARG A 86 27.88 1.37 -5.84
C ARG A 86 28.33 -0.07 -5.40
N LYS A 87 29.09 -0.15 -4.33
CA LYS A 87 29.58 -1.40 -3.83
C LYS A 87 28.41 -2.16 -3.22
N LEU A 88 27.54 -1.48 -2.49
CA LEU A 88 26.30 -2.14 -2.01
C LEU A 88 25.43 -2.79 -3.13
N TYR A 89 25.05 -2.03 -4.16
CA TYR A 89 24.19 -2.52 -5.27
C TYR A 89 24.82 -3.69 -6.04
N GLU A 90 26.13 -3.56 -6.22
CA GLU A 90 26.98 -4.52 -6.85
C GLU A 90 26.92 -5.88 -6.13
N PHE A 91 27.10 -5.87 -4.80
CA PHE A 91 26.84 -7.03 -3.92
C PHE A 91 25.40 -7.56 -4.09
N LEU A 92 24.41 -6.69 -3.94
CA LEU A 92 23.00 -7.07 -4.15
C LEU A 92 22.73 -7.75 -5.53
N SER A 93 23.25 -7.17 -6.61
CA SER A 93 23.07 -7.71 -7.96
C SER A 93 23.67 -9.11 -8.17
N GLU A 94 24.59 -9.52 -7.32
CA GLU A 94 25.10 -10.89 -7.35
C GLU A 94 24.19 -11.94 -6.71
N HIS A 95 23.13 -11.47 -6.04
CA HIS A 95 22.25 -12.30 -5.25
C HIS A 95 20.77 -12.11 -5.50
N PHE A 96 20.36 -11.03 -6.15
CA PHE A 96 18.91 -10.82 -6.37
C PHE A 96 18.56 -10.41 -7.79
N GLY A 97 17.67 -11.15 -8.43
CA GLY A 97 17.19 -10.82 -9.78
C GLY A 97 16.25 -9.63 -9.80
N ARG A 98 15.72 -9.27 -8.65
CA ARG A 98 14.78 -8.16 -8.55
C ARG A 98 15.18 -7.29 -7.39
N ILE A 99 15.18 -5.98 -7.64
CA ILE A 99 15.55 -5.02 -6.61
C ILE A 99 14.55 -3.85 -6.51
N PHE A 100 14.35 -3.34 -5.29
CA PHE A 100 13.58 -2.13 -5.03
C PHE A 100 14.49 -1.17 -4.28
N VAL A 101 14.58 0.06 -4.78
CA VAL A 101 15.35 1.06 -4.07
C VAL A 101 14.48 2.29 -3.85
N GLU A 102 14.32 2.62 -2.58
CA GLU A 102 13.63 3.87 -2.22
C GLU A 102 14.44 5.11 -2.65
N TYR A 103 13.86 5.94 -3.52
CA TYR A 103 14.58 7.08 -4.07
C TYR A 103 14.23 8.44 -3.42
N PHE A 104 13.37 8.43 -2.42
CA PHE A 104 12.77 9.63 -1.85
C PHE A 104 13.83 10.66 -1.41
N GLU A 105 14.89 10.18 -0.78
CA GLU A 105 15.93 11.03 -0.25
C GLU A 105 17.06 11.34 -1.20
N ASP A 106 16.92 10.89 -2.45
CA ASP A 106 17.89 11.08 -3.50
C ASP A 106 17.32 12.16 -4.38
N LYS A 107 17.77 13.38 -4.19
CA LYS A 107 17.14 14.52 -4.89
C LYS A 107 17.44 14.60 -6.36
N GLU A 108 18.62 14.17 -6.79
CA GLU A 108 18.95 14.09 -8.22
C GLU A 108 17.92 13.17 -8.95
N THR A 109 17.81 11.89 -8.51
CA THR A 109 16.85 10.94 -9.08
C THR A 109 15.42 11.43 -9.01
N THR A 110 15.02 11.91 -7.84
CA THR A 110 13.73 12.57 -7.68
C THR A 110 13.51 13.67 -8.74
N TYR A 111 14.49 14.56 -8.87
CA TYR A 111 14.41 15.64 -9.82
C TYR A 111 14.31 15.15 -11.28
N GLU A 112 15.15 14.18 -11.65
CA GLU A 112 15.18 13.62 -12.99
C GLU A 112 13.87 12.94 -13.38
N LEU A 113 13.38 12.03 -12.52
CA LEU A 113 12.08 11.34 -12.70
C LEU A 113 10.90 12.27 -12.92
N GLN A 114 10.83 13.32 -12.09
CA GLN A 114 9.85 14.38 -12.24
C GLN A 114 9.90 15.10 -13.58
N LYS A 115 11.09 15.22 -14.19
CA LYS A 115 11.25 15.86 -15.50
C LYS A 115 11.11 14.84 -16.62
N GLY A 116 10.67 13.63 -16.26
CA GLY A 116 10.36 12.59 -17.23
C GLY A 116 11.53 11.85 -17.80
N VAL A 117 12.68 11.83 -17.12
CA VAL A 117 13.72 10.91 -17.63
C VAL A 117 13.22 9.47 -17.37
N PRO A 118 13.54 8.56 -18.33
CA PRO A 118 13.22 7.15 -18.14
C PRO A 118 13.91 6.65 -16.86
N PRO A 119 13.18 5.88 -16.03
CA PRO A 119 13.78 5.35 -14.77
C PRO A 119 15.18 4.71 -14.90
N ALA A 120 15.43 3.97 -15.98
CA ALA A 120 16.73 3.34 -16.22
C ALA A 120 17.91 4.29 -16.49
N LEU A 121 17.62 5.53 -16.87
CA LEU A 121 18.65 6.53 -17.16
C LEU A 121 18.63 7.66 -16.14
N SER A 122 17.82 7.52 -15.09
CA SER A 122 18.02 8.35 -13.92
C SER A 122 19.31 7.98 -13.16
N ARG A 123 19.72 8.83 -12.21
CA ARG A 123 20.95 8.58 -11.50
C ARG A 123 20.93 7.21 -10.80
N LEU A 124 19.85 6.90 -10.09
CA LEU A 124 19.76 5.66 -9.32
C LEU A 124 19.62 4.47 -10.26
N GLY A 125 18.66 4.58 -11.19
CA GLY A 125 18.28 3.50 -12.08
C GLY A 125 19.39 3.16 -13.06
N PHE A 126 20.14 4.17 -13.46
CA PHE A 126 21.27 3.92 -14.33
C PHE A 126 22.34 3.05 -13.67
N GLU A 127 22.59 3.34 -12.42
CA GLU A 127 23.39 2.51 -11.55
C GLU A 127 22.90 1.05 -11.46
N LEU A 128 21.60 0.81 -11.47
CA LEU A 128 21.10 -0.57 -11.50
C LEU A 128 21.22 -1.18 -12.90
N LEU A 129 20.85 -0.42 -13.93
CA LEU A 129 21.10 -0.74 -15.31
C LEU A 129 22.51 -1.31 -15.60
N LYS A 130 23.55 -0.68 -15.06
CA LYS A 130 24.92 -1.10 -15.35
C LYS A 130 25.22 -2.49 -14.80
N LEU A 131 24.40 -2.94 -13.87
CA LEU A 131 24.57 -4.17 -13.11
C LEU A 131 23.69 -5.29 -13.69
N GLY A 132 23.08 -5.10 -14.86
CA GLY A 132 22.24 -6.18 -15.40
C GLY A 132 20.73 -6.00 -15.29
N TYR A 133 20.25 -5.08 -14.46
CA TYR A 133 18.80 -4.87 -14.32
C TYR A 133 18.30 -4.13 -15.55
N THR A 134 17.21 -4.62 -16.14
CA THR A 134 16.73 -4.17 -17.45
C THR A 134 15.23 -3.79 -17.44
N TYR A 135 14.42 -4.39 -16.57
CA TYR A 135 13.00 -4.00 -16.54
C TYR A 135 12.88 -3.07 -15.41
N PHE A 136 12.27 -1.90 -15.64
CA PHE A 136 12.23 -0.83 -14.64
C PHE A 136 10.84 -0.30 -14.42
N ARG A 137 10.52 -0.02 -13.18
CA ARG A 137 9.31 0.62 -12.88
C ARG A 137 9.60 1.77 -11.86
N ASP A 138 8.97 2.92 -12.04
CA ASP A 138 9.05 4.12 -11.19
C ASP A 138 7.76 4.19 -10.38
N TRP A 139 7.81 3.86 -9.09
CA TRP A 139 6.64 4.03 -8.30
C TRP A 139 6.64 5.41 -7.73
N PHE A 140 5.49 6.07 -7.77
CA PHE A 140 5.40 7.44 -7.22
C PHE A 140 4.09 7.67 -6.49
N ILE A 141 3.88 6.90 -5.42
CA ILE A 141 2.62 6.88 -4.70
C ILE A 141 2.69 7.83 -3.55
N PRO A 142 1.69 8.72 -3.40
CA PRO A 142 1.88 9.75 -2.37
C PRO A 142 2.00 9.20 -0.92
N GLU A 143 3.04 9.65 -0.23
CA GLU A 143 3.36 9.27 1.12
C GLU A 143 2.25 9.54 2.16
N GLY A 144 1.29 10.41 1.80
CA GLY A 144 0.16 10.76 2.69
C GLY A 144 -0.93 9.72 2.54
N LEU A 145 -0.82 8.96 1.45
CA LEU A 145 -1.69 7.84 1.19
C LEU A 145 -1.12 6.57 1.82
N GLU A 147 2.93 5.35 3.18
CA GLU A 147 4.39 5.36 3.33
C GLU A 147 5.02 4.27 2.40
N GLY A 148 6.22 4.55 1.86
CA GLY A 148 6.97 3.60 1.06
C GLY A 148 6.61 3.43 -0.41
N GLY A 149 6.13 4.46 -1.08
CA GLY A 149 5.72 4.33 -2.47
C GLY A 149 6.52 5.11 -3.48
N HIS A 150 7.70 5.57 -3.09
CA HIS A 150 8.66 6.20 -4.00
C HIS A 150 9.87 5.31 -4.19
N LYS A 151 9.68 4.29 -5.00
CA LYS A 151 10.66 3.24 -5.20
C LYS A 151 10.88 3.06 -6.66
N ILE A 152 12.14 2.77 -7.02
CA ILE A 152 12.44 2.14 -8.31
C ILE A 152 12.40 0.62 -8.08
N GLN A 153 11.74 -0.08 -9.00
CA GLN A 153 11.63 -1.52 -9.02
C GLN A 153 12.31 -1.98 -10.30
N ALA A 154 13.24 -2.92 -10.19
CA ALA A 154 14.04 -3.32 -11.34
C ALA A 154 14.30 -4.81 -11.32
N GLU A 155 14.32 -5.40 -12.50
CA GLU A 155 14.48 -6.85 -12.62
C GLU A 155 15.50 -7.21 -13.71
N LYS A 156 16.30 -8.23 -13.43
CA LYS A 156 17.17 -8.86 -14.40
C LYS A 156 16.31 -9.54 -15.52
N PRO A 157 16.76 -9.49 -16.79
CA PRO A 157 15.96 -10.19 -17.79
C PRO A 157 16.22 -11.73 -17.76
N LYS A 158 15.20 -12.50 -18.19
CA LYS A 158 15.30 -13.99 -18.29
C LYS A 158 16.24 -14.51 -19.36
N THR A 159 16.28 -13.83 -20.51
CA THR A 159 17.12 -14.21 -21.65
C THR A 159 17.85 -13.00 -22.26
N GLU A 160 18.88 -13.28 -23.06
CA GLU A 160 19.66 -12.28 -23.75
C GLU A 160 18.85 -11.50 -24.78
N GLU A 161 17.85 -12.16 -25.38
CA GLU A 161 17.02 -11.57 -26.42
C GLU A 161 15.97 -10.61 -25.87
N ALA A 162 15.27 -11.02 -24.80
CA ALA A 162 14.44 -10.09 -24.02
C ALA A 162 15.25 -8.88 -23.59
N LYS A 163 16.47 -9.13 -23.12
CA LYS A 163 17.40 -8.07 -22.76
C LYS A 163 17.68 -7.12 -23.95
N LYS A 164 18.01 -7.67 -25.12
CA LYS A 164 18.15 -6.82 -26.32
C LYS A 164 16.89 -5.99 -26.69
N ARG A 165 15.70 -6.52 -26.45
CA ARG A 165 14.43 -5.89 -26.81
C ARG A 165 13.99 -4.75 -25.89
N HIS A 166 14.21 -4.92 -24.59
CA HIS A 166 13.96 -3.83 -23.66
C HIS A 166 14.97 -2.66 -23.84
N LEU A 167 16.19 -2.98 -24.25
CA LEU A 167 17.16 -1.94 -24.55
C LEU A 167 16.83 -1.08 -25.81
N GLU A 168 16.37 -1.70 -26.90
CA GLU A 168 15.78 -0.97 -28.04
C GLU A 168 14.68 -0.01 -27.59
N ASN A 169 13.84 -0.50 -26.69
CA ASN A 169 12.81 0.32 -26.13
C ASN A 169 13.29 1.50 -25.28
N LEU A 170 14.36 1.30 -24.51
CA LEU A 170 14.96 2.33 -23.70
C LEU A 170 15.47 3.46 -24.59
N LYS A 171 15.92 3.07 -25.78
CA LYS A 171 16.43 3.97 -26.80
C LYS A 171 15.35 4.92 -27.38
N LYS A 172 14.26 4.34 -27.86
CA LYS A 172 13.08 5.10 -28.20
C LYS A 172 12.73 6.08 -27.04
N GLU A 173 12.59 5.58 -25.81
CA GLU A 173 12.31 6.47 -24.68
C GLU A 173 13.29 7.60 -24.46
N PHE A 174 14.59 7.26 -24.56
CA PHE A 174 15.69 8.20 -24.49
C PHE A 174 15.60 9.28 -25.57
N GLU A 175 15.43 8.88 -26.82
CA GLU A 175 15.31 9.83 -27.94
C GLU A 175 14.03 10.67 -27.88
N GLU A 176 12.96 10.04 -27.39
CA GLU A 176 11.71 10.71 -27.05
C GLU A 176 11.90 11.76 -25.96
N PHE A 177 12.72 11.45 -24.95
CA PHE A 177 12.91 12.35 -23.81
C PHE A 177 13.77 13.57 -24.20
N ILE A 178 14.81 13.27 -24.96
CA ILE A 178 15.82 14.18 -25.44
C ILE A 178 15.29 15.21 -26.45
N GLY A 179 14.15 14.94 -27.08
CA GLY A 179 13.44 15.93 -27.89
C GLY A 179 12.15 16.45 -27.26
N LYS A 180 12.13 16.52 -25.94
CA LYS A 180 10.93 16.93 -25.22
C LYS A 180 11.38 17.65 -23.98
N CYS A 181 12.66 18.00 -23.98
CA CYS A 181 13.25 18.55 -22.79
C CYS A 181 14.01 19.83 -23.15
N GLU A 182 13.86 20.82 -22.27
CA GLU A 182 14.76 21.98 -22.11
C GLU A 182 15.55 21.64 -20.87
N ASP A 183 16.46 22.49 -20.43
CA ASP A 183 17.45 22.05 -19.45
C ASP A 183 18.42 21.15 -20.20
N GLU A 184 19.43 21.80 -20.74
CA GLU A 184 20.42 21.16 -21.56
C GLU A 184 21.47 20.49 -20.68
N GLY A 185 21.57 20.93 -19.42
CA GLY A 185 22.35 20.26 -18.40
C GLY A 185 21.87 18.86 -18.07
N LEU A 186 20.54 18.68 -17.95
CA LEU A 186 19.92 17.37 -17.72
C LEU A 186 20.17 16.45 -18.94
N ILE A 187 19.99 17.03 -20.12
CA ILE A 187 20.14 16.34 -21.39
C ILE A 187 21.55 15.84 -21.61
N LYS A 188 22.53 16.60 -21.11
CA LYS A 188 23.92 16.27 -21.26
C LYS A 188 24.24 15.06 -20.38
N LYS A 189 23.75 15.10 -19.14
CA LYS A 189 23.86 14.01 -18.17
C LYS A 189 23.20 12.66 -18.61
N VAL A 190 21.94 12.71 -19.03
CA VAL A 190 21.20 11.57 -19.54
C VAL A 190 21.85 10.97 -20.81
N LYS A 191 22.30 11.86 -21.71
CA LYS A 191 23.13 11.51 -22.89
C LYS A 191 24.45 10.80 -22.58
N GLU A 192 25.15 11.22 -21.53
CA GLU A 192 26.35 10.50 -21.08
C GLU A 192 26.06 9.09 -20.66
N ARG A 193 24.97 8.94 -19.91
CA ARG A 193 24.51 7.67 -19.34
C ARG A 193 24.09 6.72 -20.46
N TYR A 194 23.51 7.28 -21.52
CA TYR A 194 23.06 6.54 -22.68
C TYR A 194 24.20 6.12 -23.66
N ASN A 195 25.13 7.03 -23.91
CA ASN A 195 26.33 6.71 -24.70
C ASN A 195 27.17 5.62 -24.05
N PHE A 196 27.24 5.66 -22.73
CA PHE A 196 27.90 4.63 -21.97
C PHE A 196 27.30 3.26 -22.31
N LEU A 197 25.99 3.16 -22.16
CA LEU A 197 25.21 1.95 -22.43
C LEU A 197 25.57 1.26 -23.77
N GLU A 198 26.63 1.70 -24.43
CA GLU A 198 27.15 1.08 -25.67
C GLU A 198 28.70 1.06 -25.62
N VAL B 4 -23.83 -7.64 18.56
CA VAL B 4 -24.44 -8.98 18.45
C VAL B 4 -23.44 -9.90 17.73
N LYS B 5 -22.86 -9.39 16.64
CA LYS B 5 -21.78 -10.06 15.93
C LYS B 5 -20.50 -10.19 16.80
N TYR B 6 -20.10 -9.10 17.45
CA TYR B 6 -18.89 -9.14 18.30
C TYR B 6 -18.91 -10.31 19.29
N GLU B 7 -20.00 -10.40 20.05
CA GLU B 7 -20.17 -11.36 21.12
C GLU B 7 -20.21 -12.82 20.66
N GLU B 8 -20.81 -13.08 19.50
CA GLU B 8 -20.76 -14.44 18.93
C GLU B 8 -19.43 -14.84 18.26
N LEU B 9 -18.60 -13.87 17.85
CA LEU B 9 -17.24 -14.17 17.40
C LEU B 9 -16.39 -14.60 18.60
N LEU B 10 -16.46 -13.82 19.68
CA LEU B 10 -15.83 -14.17 20.97
C LEU B 10 -16.31 -15.50 21.57
N LYS B 11 -17.61 -15.76 21.57
CA LYS B 11 -18.11 -16.99 22.17
C LYS B 11 -17.59 -18.24 21.46
N THR B 12 -17.68 -18.27 20.14
CA THR B 12 -17.16 -19.38 19.35
C THR B 12 -15.65 -19.57 19.54
N LEU B 13 -14.93 -18.46 19.56
CA LEU B 13 -13.47 -18.46 19.54
C LEU B 13 -12.90 -18.76 20.91
N GLU B 14 -13.52 -18.20 21.94
CA GLU B 14 -13.12 -18.46 23.33
C GLU B 14 -13.48 -19.89 23.70
N ASN B 15 -14.60 -20.38 23.17
CA ASN B 15 -14.90 -21.83 23.23
C ASN B 15 -13.82 -22.70 22.59
N GLY B 16 -13.30 -22.26 21.44
CA GLY B 16 -12.29 -22.99 20.66
C GLY B 16 -12.96 -23.66 19.49
N ILE B 17 -12.28 -23.74 18.36
CA ILE B 17 -12.78 -24.51 17.21
C ILE B 17 -11.99 -25.77 17.06
N ASN B 18 -12.71 -26.88 17.05
CA ASN B 18 -12.08 -28.18 17.05
C ASN B 18 -11.69 -28.65 15.63
N SER B 19 -10.44 -29.08 15.48
CA SER B 19 -9.99 -29.73 14.25
C SER B 19 -9.05 -30.87 14.56
N GLU B 20 -8.83 -31.73 13.56
CA GLU B 20 -7.86 -32.81 13.65
C GLU B 20 -6.41 -32.32 13.64
N GLU B 21 -6.20 -31.02 13.44
CA GLU B 21 -4.87 -30.42 13.46
C GLU B 21 -4.53 -29.81 14.80
N GLY B 22 -5.53 -29.76 15.70
CA GLY B 22 -5.39 -29.08 16.97
C GLY B 22 -6.57 -28.16 17.22
N GLU B 23 -6.69 -27.67 18.43
CA GLU B 23 -7.78 -26.78 18.74
C GLU B 23 -7.31 -25.40 18.35
N ILE B 24 -8.20 -24.65 17.68
CA ILE B 24 -7.97 -23.24 17.38
C ILE B 24 -8.55 -22.34 18.45
N ARG B 25 -7.68 -21.56 19.10
CA ARG B 25 -8.08 -20.77 20.26
C ARG B 25 -7.76 -19.29 20.05
N LEU B 26 -8.50 -18.42 20.75
CA LEU B 26 -8.22 -17.01 20.79
C LEU B 26 -7.04 -16.82 21.73
N VAL B 27 -5.93 -16.28 21.23
CA VAL B 27 -4.76 -16.03 22.09
C VAL B 27 -4.95 -14.71 22.80
N ARG B 28 -5.39 -13.70 22.04
CA ARG B 28 -5.61 -12.32 22.49
C ARG B 28 -6.42 -11.51 21.46
N LYS B 29 -7.27 -10.62 21.95
CA LYS B 29 -8.07 -9.68 21.13
C LYS B 29 -7.46 -8.28 21.26
N SER B 30 -7.72 -7.43 20.28
CA SER B 30 -6.98 -6.17 20.16
C SER B 30 -7.80 -5.10 19.43
N GLN B 31 -7.79 -3.86 19.94
CA GLN B 31 -8.49 -2.76 19.30
C GLN B 31 -7.79 -2.26 18.04
N GLY B 32 -8.55 -2.11 16.96
CA GLY B 32 -7.99 -1.60 15.70
C GLY B 32 -8.08 -0.09 15.52
N ARG B 33 -7.55 0.38 14.41
CA ARG B 33 -7.73 1.72 13.84
C ARG B 33 -9.10 2.34 14.14
N PHE B 34 -10.17 1.60 13.84
CA PHE B 34 -11.51 2.15 13.79
C PHE B 34 -12.48 1.49 14.76
N LYS B 35 -13.50 2.26 15.13
CA LYS B 35 -14.84 1.77 15.51
C LYS B 35 -15.12 0.40 14.90
N GLU B 36 -15.36 -0.62 15.71
CA GLU B 36 -15.75 -1.92 15.15
C GLU B 36 -14.60 -2.78 14.56
N GLU B 37 -13.36 -2.35 14.76
CA GLU B 37 -12.22 -3.06 14.18
C GLU B 37 -11.27 -3.63 15.22
N PHE B 38 -11.04 -4.94 15.11
CA PHE B 38 -10.31 -5.74 16.07
C PHE B 38 -9.35 -6.72 15.41
N ASN B 39 -8.21 -6.93 16.06
CA ASN B 39 -7.36 -8.07 15.76
C ASN B 39 -7.61 -9.23 16.73
N PHE B 40 -7.87 -10.42 16.18
CA PHE B 40 -7.91 -11.65 16.97
C PHE B 40 -6.72 -12.52 16.61
N ASP B 41 -5.77 -12.66 17.55
CA ASP B 41 -4.61 -13.51 17.38
C ASP B 41 -5.00 -14.95 17.68
N LEU B 42 -4.81 -15.86 16.72
CA LEU B 42 -5.28 -17.23 16.87
C LEU B 42 -4.18 -18.21 17.06
N SER B 43 -4.56 -19.34 17.61
CA SER B 43 -3.69 -20.37 18.06
C SER B 43 -4.15 -21.67 17.43
N LEU B 44 -3.21 -22.57 17.17
CA LEU B 44 -3.53 -23.94 16.80
C LEU B 44 -2.64 -24.78 17.69
N GLY B 45 -3.30 -25.61 18.50
CA GLY B 45 -2.63 -26.50 19.42
C GLY B 45 -1.39 -25.92 20.11
N SER B 46 -1.54 -24.79 20.77
CA SER B 46 -0.39 -24.14 21.48
C SER B 46 0.66 -23.45 20.59
N LYS B 47 0.67 -23.72 19.28
CA LYS B 47 1.39 -22.87 18.29
C LYS B 47 0.56 -21.62 17.84
N PRO B 48 1.21 -20.44 17.63
CA PRO B 48 0.51 -19.33 16.93
C PRO B 48 0.13 -19.69 15.49
N LEU B 49 -1.08 -19.33 15.08
CA LEU B 49 -1.63 -19.77 13.79
C LEU B 49 -1.67 -18.63 12.77
N LEU B 50 -2.35 -17.56 13.15
CA LEU B 50 -2.66 -16.50 12.22
C LEU B 50 -3.40 -15.39 12.94
N THR B 51 -3.63 -14.27 12.25
CA THR B 51 -4.44 -13.16 12.78
C THR B 51 -5.73 -13.01 11.98
N LEU B 52 -6.80 -12.64 12.67
CA LEU B 52 -8.03 -12.18 12.00
C LEU B 52 -8.20 -10.70 12.25
N LYS B 53 -8.14 -9.90 11.18
CA LYS B 53 -8.56 -8.49 11.25
C LYS B 53 -10.05 -8.42 10.92
N VAL B 54 -10.82 -8.00 11.93
CA VAL B 54 -12.27 -8.03 11.87
C VAL B 54 -12.86 -6.62 11.87
N PHE B 55 -13.75 -6.35 10.92
CA PHE B 55 -14.57 -5.15 10.96
C PHE B 55 -16.04 -5.55 11.04
N LEU B 56 -16.66 -5.15 12.14
CA LEU B 56 -18.02 -5.59 12.51
C LEU B 56 -19.14 -4.92 11.68
N GLY B 57 -18.80 -3.80 11.06
CA GLY B 57 -19.77 -3.01 10.29
C GLY B 57 -20.20 -1.74 11.03
N ARG B 58 -20.35 -0.66 10.28
CA ARG B 58 -21.19 0.50 10.63
C ARG B 58 -22.13 0.67 9.44
N LYS B 59 -23.21 -0.10 9.45
CA LYS B 59 -23.91 -0.52 8.23
C LYS B 59 -23.97 0.37 6.98
N PRO B 60 -25.05 1.16 6.78
CA PRO B 60 -25.26 1.47 5.37
C PRO B 60 -23.92 1.89 4.76
N TYR B 61 -23.16 2.66 5.54
CA TYR B 61 -21.84 3.20 5.22
C TYR B 61 -20.74 2.14 4.95
N TRP B 62 -20.53 1.23 5.91
CA TRP B 62 -19.47 0.23 5.83
C TRP B 62 -19.98 -1.15 6.19
N GLN B 63 -19.91 -2.04 5.21
CA GLN B 63 -20.28 -3.43 5.38
C GLN B 63 -19.18 -4.20 6.13
N PRO B 64 -19.53 -5.30 6.79
CA PRO B 64 -18.53 -6.09 7.52
C PRO B 64 -17.60 -6.91 6.62
N TRP B 65 -16.38 -7.14 7.12
CA TRP B 65 -15.35 -7.89 6.41
C TRP B 65 -14.38 -8.51 7.39
N VAL B 66 -13.75 -9.60 6.96
CA VAL B 66 -12.63 -10.19 7.67
C VAL B 66 -11.45 -10.31 6.79
N GLU B 67 -10.31 -10.13 7.43
CA GLU B 67 -9.06 -10.37 6.81
C GLU B 67 -8.28 -11.47 7.56
N VAL B 68 -7.89 -12.52 6.81
CA VAL B 68 -7.09 -13.62 7.36
C VAL B 68 -5.66 -13.45 6.88
N PHE B 69 -4.73 -13.28 7.81
CA PHE B 69 -3.37 -12.99 7.45
C PHE B 69 -2.42 -13.42 8.59
N GLY B 70 -1.12 -13.28 8.33
CA GLY B 70 -0.07 -13.53 9.28
C GLY B 70 0.01 -15.00 9.54
N VAL B 71 -0.14 -15.84 8.50
CA VAL B 71 -0.09 -17.29 8.71
C VAL B 71 1.33 -17.75 9.05
N ASN B 72 1.43 -18.59 10.07
CA ASN B 72 2.70 -18.97 10.65
C ASN B 72 3.36 -19.89 9.62
N PRO B 73 4.50 -19.45 9.00
CA PRO B 73 5.07 -20.27 7.93
C PRO B 73 5.41 -21.66 8.45
N ASN B 74 5.77 -21.79 9.72
CA ASN B 74 6.07 -23.14 10.25
C ASN B 74 4.90 -24.13 10.15
N LEU B 75 3.69 -23.56 9.96
CA LEU B 75 2.45 -24.31 9.97
C LEU B 75 1.68 -24.28 8.63
N ARG B 76 2.26 -23.65 7.61
CA ARG B 76 1.62 -23.56 6.30
C ARG B 76 1.22 -24.93 5.75
N ASN B 77 2.06 -25.94 5.98
CA ASN B 77 1.77 -27.22 5.38
C ASN B 77 0.80 -28.04 6.23
N VAL B 78 0.71 -27.74 7.53
CA VAL B 78 -0.36 -28.23 8.41
C VAL B 78 -1.71 -27.54 8.06
N PHE B 79 -1.68 -26.24 7.82
CA PHE B 79 -2.90 -25.46 7.74
C PHE B 79 -3.63 -25.46 6.41
N PHE B 80 -2.92 -25.15 5.31
CA PHE B 80 -3.59 -25.05 3.98
C PHE B 80 -4.09 -26.39 3.44
N GLY B 81 -5.35 -26.42 3.03
CA GLY B 81 -6.02 -27.65 2.60
C GLY B 81 -6.47 -28.56 3.74
N SER B 82 -6.49 -28.03 4.97
CA SER B 82 -6.82 -28.81 6.18
C SER B 82 -8.30 -28.63 6.57
N GLU B 83 -8.78 -29.51 7.46
CA GLU B 83 -10.10 -29.36 8.10
C GLU B 83 -10.16 -28.14 9.06
N ALA B 84 -9.03 -27.87 9.72
CA ALA B 84 -8.85 -26.65 10.49
C ALA B 84 -9.18 -25.37 9.66
N GLU B 85 -8.58 -25.23 8.48
CA GLU B 85 -8.91 -24.16 7.52
C GLU B 85 -10.35 -24.13 7.04
N ARG B 86 -10.91 -25.29 6.65
CA ARG B 86 -12.36 -25.42 6.39
C ARG B 86 -13.26 -24.94 7.51
N LYS B 87 -12.98 -25.39 8.74
CA LYS B 87 -13.79 -25.01 9.92
C LYS B 87 -13.67 -23.50 10.11
N LEU B 88 -12.45 -22.99 10.09
CA LEU B 88 -12.23 -21.56 10.12
C LEU B 88 -13.07 -20.74 9.11
N TYR B 89 -12.99 -21.12 7.82
CA TYR B 89 -13.70 -20.34 6.77
C TYR B 89 -15.22 -20.46 6.85
N GLU B 90 -15.70 -21.63 7.31
CA GLU B 90 -17.08 -21.94 7.62
C GLU B 90 -17.61 -21.03 8.73
N PHE B 91 -16.89 -21.01 9.84
CA PHE B 91 -17.16 -20.12 10.93
C PHE B 91 -17.28 -18.67 10.40
N LEU B 92 -16.27 -18.17 9.70
CA LEU B 92 -16.26 -16.77 9.23
C LEU B 92 -17.35 -16.52 8.16
N SER B 93 -17.63 -17.56 7.40
CA SER B 93 -18.68 -17.54 6.41
C SER B 93 -20.05 -17.13 6.99
N GLU B 94 -20.31 -17.48 8.25
CA GLU B 94 -21.60 -17.22 8.87
C GLU B 94 -21.72 -15.84 9.54
N HIS B 95 -20.64 -15.06 9.49
CA HIS B 95 -20.63 -13.74 10.08
C HIS B 95 -20.12 -12.65 9.12
N PHE B 96 -19.61 -13.03 7.94
CA PHE B 96 -19.07 -12.08 6.97
C PHE B 96 -19.46 -12.33 5.48
N GLY B 97 -19.81 -11.25 4.80
CA GLY B 97 -20.18 -11.28 3.39
C GLY B 97 -19.02 -10.94 2.49
N ARG B 98 -17.97 -10.39 3.09
CA ARG B 98 -16.72 -10.04 2.41
C ARG B 98 -15.57 -10.70 3.15
N ILE B 99 -14.69 -11.40 2.43
CA ILE B 99 -13.46 -11.97 3.06
C ILE B 99 -12.21 -11.59 2.23
N PHE B 100 -11.10 -11.38 2.92
CA PHE B 100 -9.75 -11.30 2.33
C PHE B 100 -8.94 -12.39 2.97
N VAL B 101 -8.32 -13.24 2.15
CA VAL B 101 -7.34 -14.15 2.68
C VAL B 101 -6.00 -13.93 2.00
N GLU B 102 -4.96 -13.77 2.80
CA GLU B 102 -3.61 -13.74 2.31
C GLU B 102 -3.16 -15.14 1.82
N TYR B 103 -2.71 -15.25 0.55
CA TYR B 103 -2.36 -16.57 0.01
C TYR B 103 -0.86 -16.86 -0.14
N PHE B 104 -0.02 -15.94 0.34
CA PHE B 104 1.39 -15.93 0.10
C PHE B 104 2.04 -17.22 0.58
N GLU B 105 1.59 -17.69 1.74
CA GLU B 105 2.15 -18.92 2.33
C GLU B 105 1.58 -20.18 1.71
N ASP B 106 0.50 -20.06 0.93
CA ASP B 106 -0.18 -21.18 0.26
C ASP B 106 0.37 -21.39 -1.18
N LYS B 107 1.20 -22.43 -1.34
CA LYS B 107 2.03 -22.58 -2.54
C LYS B 107 1.21 -23.05 -3.74
N GLU B 108 0.28 -23.95 -3.47
CA GLU B 108 -0.70 -24.46 -4.44
C GLU B 108 -1.56 -23.35 -5.06
N THR B 109 -2.24 -22.57 -4.23
CA THR B 109 -2.94 -21.37 -4.73
C THR B 109 -2.03 -20.37 -5.47
N THR B 110 -0.87 -20.11 -4.90
CA THR B 110 0.14 -19.24 -5.50
C THR B 110 0.47 -19.68 -6.91
N TYR B 111 0.98 -20.90 -7.03
CA TYR B 111 1.27 -21.53 -8.29
C TYR B 111 0.12 -21.46 -9.34
N GLU B 112 -1.11 -21.79 -8.90
CA GLU B 112 -2.28 -21.82 -9.77
C GLU B 112 -2.66 -20.45 -10.29
N LEU B 113 -2.66 -19.44 -9.41
CA LEU B 113 -2.84 -18.04 -9.80
C LEU B 113 -1.76 -17.58 -10.79
N GLN B 114 -0.50 -17.79 -10.48
CA GLN B 114 0.63 -17.51 -11.40
C GLN B 114 0.43 -18.12 -12.81
N LYS B 115 -0.08 -19.35 -12.83
CA LYS B 115 -0.49 -20.03 -14.05
C LYS B 115 -1.75 -19.54 -14.76
N GLY B 116 -2.53 -18.65 -14.18
CA GLY B 116 -3.71 -18.09 -14.88
C GLY B 116 -5.04 -18.68 -14.47
N VAL B 117 -5.05 -19.56 -13.47
CA VAL B 117 -6.26 -20.18 -12.95
C VAL B 117 -7.19 -19.05 -12.43
N PRO B 118 -8.49 -19.09 -12.79
CA PRO B 118 -9.40 -18.09 -12.15
C PRO B 118 -9.34 -18.16 -10.62
N PRO B 119 -9.30 -17.01 -9.94
CA PRO B 119 -9.32 -16.96 -8.47
C PRO B 119 -10.31 -17.90 -7.80
N ALA B 120 -11.56 -17.98 -8.27
CA ALA B 120 -12.58 -18.79 -7.64
C ALA B 120 -12.30 -20.27 -7.77
N LEU B 121 -11.49 -20.64 -8.77
CA LEU B 121 -11.17 -22.04 -9.05
C LEU B 121 -9.78 -22.46 -8.59
N SER B 122 -9.08 -21.57 -7.88
CA SER B 122 -7.77 -21.84 -7.27
C SER B 122 -8.10 -22.61 -6.03
N ARG B 123 -7.16 -23.37 -5.46
CA ARG B 123 -7.43 -24.14 -4.21
C ARG B 123 -8.21 -23.34 -3.13
N LEU B 124 -7.68 -22.17 -2.77
CA LEU B 124 -8.27 -21.30 -1.76
C LEU B 124 -9.54 -20.62 -2.20
N GLY B 125 -9.53 -19.98 -3.37
CA GLY B 125 -10.73 -19.42 -3.96
C GLY B 125 -11.93 -20.37 -4.00
N PHE B 126 -11.68 -21.59 -4.46
CA PHE B 126 -12.66 -22.67 -4.48
C PHE B 126 -13.30 -23.02 -3.11
N GLU B 127 -12.50 -23.02 -2.05
CA GLU B 127 -13.01 -23.14 -0.68
C GLU B 127 -13.99 -22.05 -0.29
N LEU B 128 -13.71 -20.83 -0.70
CA LEU B 128 -14.62 -19.68 -0.52
C LEU B 128 -15.86 -19.81 -1.40
N LEU B 129 -15.69 -20.30 -2.61
CA LEU B 129 -16.80 -20.53 -3.54
C LEU B 129 -17.81 -21.51 -2.96
N LYS B 130 -17.32 -22.57 -2.33
CA LYS B 130 -18.20 -23.58 -1.74
C LYS B 130 -19.08 -22.98 -0.65
N LEU B 131 -18.56 -21.92 -0.02
CA LEU B 131 -19.28 -21.26 1.07
C LEU B 131 -20.15 -20.08 0.65
N GLY B 132 -20.35 -19.89 -0.65
CA GLY B 132 -21.26 -18.85 -1.13
C GLY B 132 -20.67 -17.55 -1.63
N TYR B 133 -19.35 -17.34 -1.44
CA TYR B 133 -18.67 -16.14 -1.97
C TYR B 133 -18.50 -16.35 -3.46
N THR B 134 -18.98 -15.40 -4.28
CA THR B 134 -19.10 -15.64 -5.73
C THR B 134 -18.39 -14.57 -6.55
N TYR B 135 -18.14 -13.43 -5.93
CA TYR B 135 -17.30 -12.38 -6.54
C TYR B 135 -15.85 -12.47 -6.01
N PHE B 136 -14.87 -12.54 -6.93
CA PHE B 136 -13.45 -12.70 -6.61
C PHE B 136 -12.48 -11.64 -7.18
N ARG B 137 -11.61 -11.09 -6.35
CA ARG B 137 -10.52 -10.31 -6.85
C ARG B 137 -9.17 -10.86 -6.33
N ASP B 138 -8.21 -10.99 -7.24
CA ASP B 138 -6.87 -11.43 -6.91
C ASP B 138 -6.00 -10.16 -6.81
N TRP B 139 -5.47 -9.91 -5.64
CA TRP B 139 -4.51 -8.86 -5.47
C TRP B 139 -3.12 -9.49 -5.49
N PHE B 140 -2.27 -8.92 -6.34
CA PHE B 140 -0.92 -9.36 -6.44
C PHE B 140 -0.05 -8.14 -6.50
N ILE B 141 0.15 -7.47 -5.38
CA ILE B 141 1.04 -6.33 -5.37
C ILE B 141 2.44 -6.70 -4.81
N PRO B 142 3.52 -6.16 -5.40
CA PRO B 142 4.81 -6.62 -4.92
C PRO B 142 5.04 -6.30 -3.43
N GLU B 143 5.43 -7.30 -2.63
CA GLU B 143 5.93 -7.01 -1.29
C GLU B 143 7.24 -6.32 -1.74
N GLY B 144 7.80 -5.38 -1.05
CA GLY B 144 8.86 -4.71 -1.81
C GLY B 144 8.39 -3.31 -2.02
N LEU B 145 7.20 -3.19 -2.62
CA LEU B 145 6.45 -1.95 -2.67
C LEU B 145 5.60 -1.69 -1.40
N GLU B 147 3.91 -4.29 1.77
CA GLU B 147 3.73 -5.60 2.37
C GLU B 147 2.23 -5.93 2.47
N GLY B 148 1.88 -7.19 2.44
CA GLY B 148 0.47 -7.57 2.60
C GLY B 148 -0.43 -7.44 1.39
N GLY B 149 0.13 -7.42 0.19
CA GLY B 149 -0.71 -7.32 -1.01
C GLY B 149 -0.88 -8.54 -1.91
N HIS B 150 -0.72 -9.75 -1.36
CA HIS B 150 -1.06 -11.05 -2.02
C HIS B 150 -2.24 -11.72 -1.34
N LYS B 151 -3.42 -11.21 -1.66
CA LYS B 151 -4.69 -11.58 -1.02
C LYS B 151 -5.74 -11.96 -2.07
N ILE B 152 -6.56 -12.95 -1.75
CA ILE B 152 -7.86 -13.07 -2.43
C ILE B 152 -8.95 -12.29 -1.64
N GLN B 153 -9.70 -11.44 -2.34
CA GLN B 153 -10.88 -10.81 -1.81
C GLN B 153 -12.09 -11.54 -2.39
N ALA B 154 -13.03 -11.93 -1.52
CA ALA B 154 -14.21 -12.66 -1.97
C ALA B 154 -15.47 -12.10 -1.31
N GLU B 155 -16.55 -12.11 -2.07
CA GLU B 155 -17.82 -11.57 -1.62
C GLU B 155 -19.02 -12.38 -2.03
N LYS B 156 -20.03 -12.41 -1.12
CA LYS B 156 -21.35 -13.01 -1.42
C LYS B 156 -22.14 -12.11 -2.37
N PRO B 157 -22.96 -12.72 -3.26
CA PRO B 157 -23.80 -11.91 -4.17
C PRO B 157 -24.88 -11.15 -3.43
N LYS B 158 -25.06 -9.88 -3.81
CA LYS B 158 -26.07 -9.01 -3.19
C LYS B 158 -27.47 -9.49 -3.53
N THR B 159 -27.61 -10.02 -4.75
CA THR B 159 -28.91 -10.30 -5.37
C THR B 159 -28.82 -11.67 -6.09
N GLU B 160 -29.94 -12.21 -6.55
CA GLU B 160 -29.88 -13.38 -7.45
C GLU B 160 -29.38 -12.95 -8.83
N GLU B 161 -29.39 -11.64 -9.08
CA GLU B 161 -28.95 -11.07 -10.35
C GLU B 161 -27.44 -10.94 -10.42
N ALA B 162 -26.83 -10.42 -9.35
CA ALA B 162 -25.40 -10.28 -9.28
C ALA B 162 -24.79 -11.68 -9.28
N LYS B 163 -25.42 -12.61 -8.54
CA LYS B 163 -24.96 -13.99 -8.45
C LYS B 163 -24.87 -14.71 -9.80
N LYS B 164 -25.88 -14.49 -10.63
CA LYS B 164 -25.94 -15.01 -11.99
C LYS B 164 -24.82 -14.41 -12.87
N ARG B 165 -24.60 -13.10 -12.71
CA ARG B 165 -23.54 -12.40 -13.41
C ARG B 165 -22.12 -12.87 -13.00
N HIS B 166 -21.88 -12.98 -11.69
CA HIS B 166 -20.63 -13.56 -11.19
C HIS B 166 -20.36 -14.96 -11.79
N LEU B 167 -21.36 -15.81 -11.90
CA LEU B 167 -21.15 -17.18 -12.41
C LEU B 167 -20.94 -17.28 -13.91
N GLU B 168 -21.56 -16.34 -14.63
CA GLU B 168 -21.42 -16.19 -16.09
C GLU B 168 -19.99 -15.75 -16.36
N ASN B 169 -19.48 -14.78 -15.61
CA ASN B 169 -18.08 -14.36 -15.75
C ASN B 169 -17.10 -15.52 -15.45
N LEU B 170 -17.40 -16.31 -14.42
CA LEU B 170 -16.60 -17.46 -14.04
C LEU B 170 -16.55 -18.51 -15.14
N LYS B 171 -17.69 -18.79 -15.77
CA LYS B 171 -17.74 -19.64 -16.95
C LYS B 171 -16.80 -19.13 -18.09
N LYS B 172 -16.84 -17.84 -18.40
CA LYS B 172 -15.94 -17.23 -19.40
C LYS B 172 -14.46 -17.40 -19.07
N GLU B 173 -14.10 -16.93 -17.86
CA GLU B 173 -12.75 -17.10 -17.29
C GLU B 173 -12.24 -18.54 -17.35
N PHE B 174 -13.09 -19.50 -17.04
CA PHE B 174 -12.75 -20.92 -17.12
C PHE B 174 -12.48 -21.35 -18.59
N GLU B 175 -13.33 -20.88 -19.51
CA GLU B 175 -13.19 -21.16 -20.93
C GLU B 175 -11.89 -20.59 -21.47
N GLU B 176 -11.50 -19.43 -20.96
CA GLU B 176 -10.23 -18.79 -21.37
C GLU B 176 -9.01 -19.54 -20.84
N PHE B 177 -9.05 -19.96 -19.57
CA PHE B 177 -8.03 -20.84 -18.99
C PHE B 177 -7.77 -22.16 -19.78
N ILE B 178 -8.81 -22.95 -20.06
CA ILE B 178 -8.72 -24.08 -20.99
C ILE B 178 -8.31 -23.41 -22.24
N GLY B 179 -7.33 -23.89 -22.96
CA GLY B 179 -7.04 -23.01 -24.12
C GLY B 179 -5.76 -22.24 -23.96
N LYS B 180 -5.58 -21.63 -22.80
CA LYS B 180 -4.29 -21.08 -22.40
C LYS B 180 -3.43 -22.17 -21.69
N CYS B 181 -4.10 -23.02 -20.89
CA CYS B 181 -3.39 -24.03 -20.12
C CYS B 181 -2.59 -25.07 -20.96
N GLU B 182 -1.35 -25.34 -20.53
CA GLU B 182 -0.40 -26.24 -21.19
C GLU B 182 -0.17 -27.55 -20.45
N ASP B 183 -0.78 -27.71 -19.30
CA ASP B 183 -0.47 -28.86 -18.45
C ASP B 183 -1.74 -29.57 -18.11
N GLU B 184 -1.92 -30.79 -18.62
CA GLU B 184 -3.16 -31.52 -18.43
C GLU B 184 -3.58 -31.81 -16.96
N GLY B 185 -2.59 -31.97 -16.08
CA GLY B 185 -2.89 -32.19 -14.69
C GLY B 185 -3.56 -31.01 -14.01
N LEU B 186 -3.22 -29.79 -14.42
CA LEU B 186 -3.77 -28.55 -13.83
C LEU B 186 -5.19 -28.34 -14.37
N ILE B 187 -5.33 -28.67 -15.63
CA ILE B 187 -6.61 -28.65 -16.35
C ILE B 187 -7.65 -29.61 -15.70
N LYS B 188 -7.23 -30.82 -15.39
CA LYS B 188 -8.15 -31.80 -14.78
C LYS B 188 -8.64 -31.33 -13.40
N LYS B 189 -7.74 -30.74 -12.60
CA LYS B 189 -8.02 -30.25 -11.28
C LYS B 189 -8.99 -29.07 -11.27
N VAL B 190 -8.77 -28.12 -12.18
CA VAL B 190 -9.67 -27.01 -12.44
C VAL B 190 -11.02 -27.57 -12.97
N LYS B 191 -10.99 -28.57 -13.87
CA LYS B 191 -12.25 -29.15 -14.43
C LYS B 191 -13.10 -29.63 -13.24
N GLU B 192 -12.45 -30.35 -12.34
CA GLU B 192 -13.15 -31.01 -11.26
C GLU B 192 -13.68 -30.05 -10.18
N ARG B 193 -13.05 -28.90 -9.99
CA ARG B 193 -13.60 -27.81 -9.17
C ARG B 193 -14.82 -27.15 -9.84
N TYR B 194 -14.68 -26.91 -11.15
CA TYR B 194 -15.73 -26.34 -11.93
C TYR B 194 -16.96 -27.26 -12.04
N ASN B 195 -16.72 -28.57 -12.15
CA ASN B 195 -17.78 -29.57 -12.17
C ASN B 195 -18.56 -29.58 -10.88
N PHE B 196 -17.87 -29.42 -9.74
CA PHE B 196 -18.54 -29.28 -8.44
C PHE B 196 -19.54 -28.14 -8.51
N LEU B 197 -19.04 -26.92 -8.75
CA LEU B 197 -19.89 -25.73 -8.89
C LEU B 197 -21.15 -25.98 -9.71
N GLU B 198 -21.03 -26.69 -10.84
CA GLU B 198 -22.16 -26.93 -11.72
C GLU B 198 -23.29 -27.77 -11.12
N HIS B 199 -23.25 -27.99 -9.80
CA HIS B 199 -24.38 -28.53 -9.01
C HIS B 199 -24.76 -27.61 -7.80
N VAL C 4 11.51 27.30 5.31
CA VAL C 4 10.92 26.02 5.84
C VAL C 4 10.65 26.09 7.37
N LYS C 5 9.40 25.83 7.76
CA LYS C 5 8.91 26.30 9.07
C LYS C 5 7.91 25.45 9.86
N TYR C 6 8.43 24.46 10.59
CA TYR C 6 7.81 24.18 11.87
C TYR C 6 8.48 25.23 12.74
N GLU C 7 7.90 25.54 13.90
CA GLU C 7 8.21 26.78 14.60
C GLU C 7 6.99 27.64 14.41
N GLU C 8 6.68 27.94 13.16
CA GLU C 8 5.45 28.61 12.80
C GLU C 8 4.23 27.70 13.03
N LEU C 9 4.40 26.42 12.72
CA LEU C 9 3.37 25.41 12.97
C LEU C 9 3.30 25.08 14.46
N LEU C 10 4.48 25.02 15.09
CA LEU C 10 4.62 24.70 16.51
C LEU C 10 4.11 25.81 17.44
N LYS C 11 4.41 27.06 17.09
CA LYS C 11 3.99 28.22 17.87
C LYS C 11 2.48 28.26 18.01
N THR C 12 1.77 28.01 16.90
CA THR C 12 0.30 28.01 16.88
C THR C 12 -0.32 26.84 17.65
N LEU C 13 0.40 25.72 17.75
CA LEU C 13 -0.23 24.46 18.11
C LEU C 13 -0.33 24.22 19.62
N GLU C 14 0.76 24.48 20.35
CA GLU C 14 0.68 24.54 21.81
C GLU C 14 0.51 26.01 22.17
N ASN C 15 -0.41 26.29 23.09
CA ASN C 15 -1.22 27.52 23.08
C ASN C 15 -2.15 27.31 21.89
N GLY C 16 -3.22 26.58 22.18
CA GLY C 16 -3.93 25.79 21.19
C GLY C 16 -4.78 26.51 20.18
N ILE C 17 -5.82 25.81 19.72
CA ILE C 17 -6.72 26.37 18.72
C ILE C 17 -8.13 26.44 19.26
N ASN C 18 -8.52 27.69 19.45
CA ASN C 18 -9.88 28.19 19.67
C ASN C 18 -11.03 27.16 19.70
N SER C 19 -12.01 27.34 18.81
CA SER C 19 -13.17 26.44 18.65
C SER C 19 -14.16 26.30 19.83
N GLU C 20 -15.44 26.22 19.45
CA GLU C 20 -16.58 26.04 20.35
C GLU C 20 -16.74 24.60 20.90
N GLU C 21 -16.02 23.65 20.34
CA GLU C 21 -16.19 22.26 20.76
C GLU C 21 -15.16 21.81 21.79
N GLY C 22 -14.32 22.75 22.22
CA GLY C 22 -13.23 22.48 23.12
C GLY C 22 -12.00 23.03 22.46
N GLU C 23 -10.93 23.17 23.22
CA GLU C 23 -9.67 23.58 22.64
C GLU C 23 -8.98 22.42 21.92
N ILE C 24 -8.18 22.76 20.91
CA ILE C 24 -7.32 21.81 20.23
C ILE C 24 -5.90 22.10 20.68
N ARG C 25 -5.19 21.07 21.14
CA ARG C 25 -3.80 21.26 21.58
C ARG C 25 -2.89 20.09 21.19
N LEU C 26 -1.60 20.37 21.16
CA LEU C 26 -0.55 19.38 20.99
C LEU C 26 -0.47 18.42 22.20
N VAL C 27 0.04 17.22 21.96
CA VAL C 27 0.26 16.22 23.02
C VAL C 27 1.68 15.65 22.83
N ARG C 28 1.88 14.79 21.83
CA ARG C 28 3.24 14.35 21.47
C ARG C 28 3.79 15.03 20.18
N LYS C 29 5.01 14.67 19.80
CA LYS C 29 5.70 15.23 18.63
C LYS C 29 7.00 14.45 18.36
N SER C 30 7.15 13.89 17.15
CA SER C 30 8.30 13.04 16.81
C SER C 30 8.98 13.40 15.46
N GLN C 31 9.95 12.57 15.03
CA GLN C 31 10.68 12.76 13.77
C GLN C 31 10.40 11.58 12.87
N GLY C 32 9.83 11.84 11.68
CA GLY C 32 9.31 10.79 10.80
C GLY C 32 10.39 10.04 10.04
N ARG C 33 9.99 9.34 8.98
CA ARG C 33 10.91 8.56 8.15
C ARG C 33 11.97 9.42 7.47
N PHE C 34 11.57 10.63 7.07
CA PHE C 34 12.43 11.56 6.33
C PHE C 34 12.65 12.85 7.11
N LYS C 35 13.79 13.49 6.87
CA LYS C 35 14.27 14.67 7.62
C LYS C 35 13.22 15.75 7.89
N GLU C 36 12.29 15.92 6.94
CA GLU C 36 11.24 16.94 7.04
C GLU C 36 9.86 16.43 7.45
N GLU C 37 9.78 15.21 7.99
CA GLU C 37 8.50 14.58 8.32
C GLU C 37 8.36 14.49 9.83
N PHE C 38 7.16 14.74 10.34
CA PHE C 38 6.90 14.76 11.79
C PHE C 38 5.48 14.31 12.09
N ASN C 39 5.25 13.75 13.27
CA ASN C 39 3.88 13.47 13.72
C ASN C 39 3.42 14.34 14.90
N PHE C 40 2.34 15.10 14.69
CA PHE C 40 1.77 15.96 15.72
C PHE C 40 0.51 15.30 16.27
N ASP C 41 0.57 14.85 17.52
CA ASP C 41 -0.60 14.33 18.21
C ASP C 41 -1.40 15.44 18.85
N LEU C 42 -2.72 15.38 18.69
CA LEU C 42 -3.57 16.50 19.03
C LEU C 42 -4.71 16.05 19.93
N SER C 43 -5.29 17.01 20.66
CA SER C 43 -6.41 16.71 21.55
C SER C 43 -7.56 17.72 21.41
N LEU C 44 -8.79 17.25 21.65
CA LEU C 44 -9.98 18.10 21.78
C LEU C 44 -10.41 18.00 23.24
N GLY C 45 -10.03 19.00 24.04
CA GLY C 45 -10.13 18.89 25.50
C GLY C 45 -8.96 18.04 25.98
N SER C 46 -9.25 17.04 26.81
CA SER C 46 -8.22 16.11 27.29
C SER C 46 -8.14 14.84 26.45
N LYS C 47 -9.20 14.57 25.68
CA LYS C 47 -9.23 13.45 24.74
C LYS C 47 -8.25 13.71 23.60
N PRO C 48 -7.40 12.72 23.29
CA PRO C 48 -6.78 12.61 21.95
C PRO C 48 -7.82 12.74 20.81
N LEU C 49 -7.45 13.50 19.77
CA LEU C 49 -8.37 13.80 18.66
C LEU C 49 -8.06 13.01 17.36
N LEU C 50 -6.77 12.91 17.02
CA LEU C 50 -6.40 12.95 15.65
C LEU C 50 -4.91 13.09 15.57
N THR C 51 -4.32 12.65 14.46
CA THR C 51 -2.90 12.83 14.25
C THR C 51 -2.66 13.57 12.93
N LEU C 52 -1.70 14.49 12.97
CA LEU C 52 -1.19 15.17 11.81
C LEU C 52 0.15 14.58 11.44
N LYS C 53 0.28 14.10 10.22
CA LYS C 53 1.59 13.79 9.69
C LYS C 53 1.86 14.94 8.76
N VAL C 54 2.85 15.75 9.11
CA VAL C 54 3.24 16.91 8.32
C VAL C 54 4.50 16.58 7.55
N PHE C 55 4.62 17.06 6.31
CA PHE C 55 5.90 17.02 5.62
C PHE C 55 6.30 18.43 5.21
N LEU C 56 7.43 18.89 5.71
CA LEU C 56 7.72 20.36 5.72
C LEU C 56 8.16 20.95 4.41
N GLY C 57 8.51 20.05 3.48
CA GLY C 57 8.92 20.39 2.13
C GLY C 57 10.42 20.26 1.95
N ARG C 58 10.83 20.03 0.70
CA ARG C 58 12.22 20.06 0.27
C ARG C 58 12.16 20.57 -1.19
N LYS C 59 11.93 21.87 -1.35
CA LYS C 59 10.94 22.42 -2.34
C LYS C 59 11.18 22.36 -3.84
N PRO C 60 12.44 22.27 -4.28
CA PRO C 60 12.37 21.92 -5.71
C PRO C 60 11.86 20.45 -5.88
N TYR C 61 12.21 19.58 -4.93
CA TYR C 61 12.01 18.14 -5.09
C TYR C 61 10.70 17.66 -4.54
N TRP C 62 10.38 18.03 -3.30
CA TRP C 62 9.15 17.60 -2.69
C TRP C 62 8.42 18.78 -2.08
N GLN C 63 7.12 18.89 -2.35
CA GLN C 63 6.25 19.93 -1.83
C GLN C 63 5.61 19.57 -0.46
N PRO C 64 5.36 20.59 0.39
CA PRO C 64 4.76 20.28 1.70
C PRO C 64 3.38 19.68 1.60
N TRP C 65 3.08 18.78 2.54
CA TRP C 65 1.74 18.19 2.65
C TRP C 65 1.57 17.85 4.10
N VAL C 66 0.31 17.78 4.49
CA VAL C 66 -0.07 17.38 5.81
C VAL C 66 -1.09 16.28 5.61
N GLU C 67 -1.06 15.28 6.49
CA GLU C 67 -2.09 14.23 6.49
C GLU C 67 -2.81 14.26 7.82
N VAL C 68 -4.14 14.13 7.74
CA VAL C 68 -5.02 14.19 8.89
C VAL C 68 -5.60 12.80 9.00
N PHE C 69 -5.20 12.07 10.05
CA PHE C 69 -5.61 10.67 10.24
C PHE C 69 -5.85 10.33 11.71
N GLY C 70 -6.06 9.05 12.00
CA GLY C 70 -6.08 8.49 13.38
C GLY C 70 -6.99 9.23 14.34
N VAL C 71 -8.20 9.51 13.83
CA VAL C 71 -9.25 10.25 14.52
C VAL C 71 -10.06 9.34 15.42
N ASN C 72 -10.00 9.63 16.72
CA ASN C 72 -10.79 8.94 17.76
C ASN C 72 -12.28 8.82 17.44
N PRO C 73 -12.80 7.57 17.29
CA PRO C 73 -14.21 7.25 16.97
C PRO C 73 -15.26 7.75 17.97
N ASN C 74 -14.85 8.16 19.16
CA ASN C 74 -15.82 8.71 20.09
C ASN C 74 -16.14 10.19 19.82
N LEU C 75 -15.37 10.81 18.93
CA LEU C 75 -15.57 12.21 18.58
C LEU C 75 -16.19 12.44 17.17
N ARG C 76 -16.30 11.39 16.34
CA ARG C 76 -16.82 11.49 14.97
C ARG C 76 -17.97 12.49 14.84
N ASN C 77 -19.09 12.16 15.47
CA ASN C 77 -20.32 12.96 15.33
C ASN C 77 -20.18 14.40 15.89
N VAL C 78 -19.19 14.61 16.75
CA VAL C 78 -18.92 15.94 17.31
C VAL C 78 -18.01 16.80 16.41
N PHE C 79 -16.96 16.15 15.87
CA PHE C 79 -15.92 16.82 15.05
C PHE C 79 -16.26 16.99 13.57
N PHE C 80 -16.77 15.95 12.94
CA PHE C 80 -17.16 16.07 11.55
C PHE C 80 -18.48 16.81 11.49
N GLY C 81 -18.43 18.01 10.94
CA GLY C 81 -19.58 18.90 10.89
C GLY C 81 -19.27 20.17 11.65
N SER C 82 -18.35 20.07 12.61
CA SER C 82 -18.09 21.13 13.60
C SER C 82 -17.26 22.32 13.09
N GLU C 83 -17.11 23.31 13.97
CA GLU C 83 -16.27 24.48 13.73
C GLU C 83 -14.82 24.27 14.20
N ALA C 84 -14.58 23.24 15.01
CA ALA C 84 -13.23 22.79 15.33
C ALA C 84 -12.57 22.12 14.10
N GLU C 85 -13.40 21.47 13.27
CA GLU C 85 -12.92 20.89 12.02
C GLU C 85 -12.45 22.01 11.09
N ARG C 86 -13.30 23.04 10.95
CA ARG C 86 -13.04 24.19 10.07
C ARG C 86 -11.83 25.03 10.51
N LYS C 87 -11.64 25.13 11.82
CA LYS C 87 -10.58 25.94 12.40
C LYS C 87 -9.25 25.25 12.19
N LEU C 88 -9.25 23.92 12.33
CA LEU C 88 -8.07 23.10 11.97
C LEU C 88 -7.72 23.13 10.48
N TYR C 89 -8.70 22.92 9.59
CA TYR C 89 -8.46 22.98 8.14
C TYR C 89 -7.95 24.35 7.76
N GLU C 90 -8.72 25.35 8.14
CA GLU C 90 -8.40 26.75 7.98
C GLU C 90 -6.94 27.00 8.30
N PHE C 91 -6.49 26.55 9.46
CA PHE C 91 -5.11 26.66 9.92
C PHE C 91 -4.08 25.88 9.05
N LEU C 92 -4.43 24.66 8.65
CA LEU C 92 -3.56 23.88 7.76
C LEU C 92 -3.48 24.50 6.37
N SER C 93 -4.61 25.06 5.92
CA SER C 93 -4.71 25.72 4.60
C SER C 93 -3.78 26.91 4.48
N GLU C 94 -3.33 27.44 5.60
CA GLU C 94 -2.36 28.53 5.60
C GLU C 94 -0.91 28.10 5.41
N HIS C 95 -0.64 26.80 5.58
CA HIS C 95 0.75 26.27 5.59
C HIS C 95 1.05 25.13 4.61
N PHE C 96 0.01 24.54 4.03
CA PHE C 96 0.12 23.38 3.13
C PHE C 96 -0.69 23.48 1.85
N GLY C 97 -0.01 23.50 0.71
CA GLY C 97 -0.68 23.43 -0.59
C GLY C 97 -1.25 22.07 -0.99
N ARG C 98 -1.00 21.06 -0.16
CA ARG C 98 -1.55 19.72 -0.39
C ARG C 98 -1.96 19.12 0.97
N ILE C 99 -3.20 18.63 1.03
CA ILE C 99 -3.78 18.02 2.23
C ILE C 99 -4.41 16.65 1.96
N PHE C 100 -4.25 15.75 2.93
CA PHE C 100 -4.94 14.45 2.96
C PHE C 100 -5.83 14.36 4.21
N VAL C 101 -7.08 13.96 4.05
CA VAL C 101 -7.94 13.70 5.18
C VAL C 101 -8.62 12.31 5.02
N GLU C 102 -8.44 11.45 6.04
CA GLU C 102 -9.13 10.18 6.11
C GLU C 102 -10.59 10.42 6.43
N TYR C 103 -11.48 9.95 5.57
CA TYR C 103 -12.89 10.26 5.67
C TYR C 103 -13.72 9.09 6.23
N PHE C 104 -13.03 8.06 6.69
CA PHE C 104 -13.68 6.81 7.06
C PHE C 104 -14.71 6.98 8.21
N GLU C 105 -14.30 7.72 9.25
CA GLU C 105 -15.14 8.02 10.40
C GLU C 105 -16.24 9.03 10.08
N ASP C 106 -16.13 9.69 8.92
CA ASP C 106 -17.08 10.71 8.48
C ASP C 106 -18.14 10.05 7.63
N LYS C 107 -19.27 9.76 8.26
CA LYS C 107 -20.35 8.97 7.68
C LYS C 107 -21.07 9.66 6.52
N GLU C 108 -20.93 10.98 6.42
CA GLU C 108 -21.62 11.71 5.34
C GLU C 108 -20.76 11.73 4.09
N THR C 109 -19.51 12.18 4.24
CA THR C 109 -18.50 12.13 3.18
C THR C 109 -18.44 10.74 2.52
N THR C 110 -18.33 9.72 3.36
CA THR C 110 -18.40 8.31 2.96
C THR C 110 -19.61 7.97 2.09
N TYR C 111 -20.81 8.27 2.60
CA TYR C 111 -22.05 7.92 1.92
C TYR C 111 -22.21 8.65 0.59
N GLU C 112 -21.76 9.90 0.53
CA GLU C 112 -21.81 10.72 -0.69
C GLU C 112 -20.80 10.22 -1.74
N LEU C 113 -19.52 10.08 -1.35
CA LEU C 113 -18.50 9.51 -2.24
C LEU C 113 -18.97 8.22 -2.92
N GLN C 114 -19.51 7.32 -2.10
CA GLN C 114 -20.09 6.04 -2.54
C GLN C 114 -21.27 6.20 -3.50
N LYS C 115 -21.98 7.33 -3.41
CA LYS C 115 -23.08 7.65 -4.35
C LYS C 115 -22.59 8.20 -5.70
N GLY C 116 -21.29 8.47 -5.82
CA GLY C 116 -20.77 8.98 -7.08
C GLY C 116 -20.65 10.49 -7.05
N VAL C 117 -20.71 11.08 -5.85
CA VAL C 117 -20.45 12.49 -5.68
C VAL C 117 -18.94 12.75 -5.90
N PRO C 118 -18.61 13.86 -6.60
CA PRO C 118 -17.24 14.32 -6.76
C PRO C 118 -16.65 14.76 -5.41
N PRO C 119 -15.40 14.37 -5.12
CA PRO C 119 -14.76 14.65 -3.80
C PRO C 119 -14.89 16.10 -3.29
N ALA C 120 -14.79 17.07 -4.21
CA ALA C 120 -14.85 18.51 -3.92
C ALA C 120 -16.22 18.97 -3.48
N LEU C 121 -17.24 18.18 -3.78
CA LEU C 121 -18.60 18.56 -3.49
C LEU C 121 -19.18 17.66 -2.39
N SER C 122 -18.32 16.84 -1.80
CA SER C 122 -18.72 16.03 -0.66
C SER C 122 -18.57 16.96 0.53
N ARG C 123 -19.30 16.64 1.61
CA ARG C 123 -19.17 17.27 2.90
C ARG C 123 -17.73 17.73 3.21
N LEU C 124 -16.84 16.76 3.41
CA LEU C 124 -15.46 17.04 3.82
C LEU C 124 -14.68 17.84 2.78
N GLY C 125 -14.74 17.37 1.52
CA GLY C 125 -14.10 17.98 0.35
C GLY C 125 -14.56 19.39 0.08
N PHE C 126 -15.85 19.62 0.22
CA PHE C 126 -16.43 20.98 0.14
C PHE C 126 -15.81 21.98 1.12
N GLU C 127 -15.59 21.51 2.35
CA GLU C 127 -14.89 22.26 3.34
C GLU C 127 -13.48 22.61 2.90
N LEU C 128 -12.90 21.78 2.03
CA LEU C 128 -11.56 22.01 1.55
C LEU C 128 -11.58 22.96 0.35
N LEU C 129 -12.56 22.78 -0.53
CA LEU C 129 -12.84 23.71 -1.62
C LEU C 129 -12.97 25.20 -1.18
N LYS C 130 -13.50 25.46 0.00
CA LYS C 130 -13.67 26.83 0.53
C LYS C 130 -12.34 27.51 0.81
N LEU C 131 -11.37 26.70 1.22
CA LEU C 131 -10.08 27.20 1.65
C LEU C 131 -9.06 27.29 0.51
N GLY C 132 -9.52 27.12 -0.73
CA GLY C 132 -8.63 27.31 -1.87
C GLY C 132 -8.07 26.05 -2.49
N TYR C 133 -8.38 24.87 -1.94
CA TYR C 133 -8.02 23.57 -2.57
C TYR C 133 -8.96 23.26 -3.75
N THR C 134 -8.35 22.96 -4.91
CA THR C 134 -9.07 22.95 -6.15
C THR C 134 -8.88 21.60 -6.90
N TYR C 135 -7.72 20.96 -6.70
CA TYR C 135 -7.49 19.63 -7.23
C TYR C 135 -7.85 18.53 -6.19
N PHE C 136 -8.80 17.65 -6.56
CA PHE C 136 -9.27 16.54 -5.69
C PHE C 136 -9.04 15.10 -6.20
N ARG C 137 -8.57 14.24 -5.30
CA ARG C 137 -8.50 12.79 -5.54
C ARG C 137 -9.18 12.04 -4.39
N ASP C 138 -10.12 11.16 -4.72
CA ASP C 138 -10.75 10.26 -3.74
C ASP C 138 -10.03 8.89 -3.81
N TRP C 139 -9.35 8.51 -2.72
CA TRP C 139 -8.80 7.18 -2.57
C TRP C 139 -9.77 6.31 -1.77
N PHE C 140 -10.15 5.16 -2.32
CA PHE C 140 -11.03 4.19 -1.63
C PHE C 140 -10.50 2.74 -1.65
N ILE C 141 -9.41 2.50 -0.94
CA ILE C 141 -8.74 1.20 -0.96
C ILE C 141 -9.19 0.40 0.23
N PRO C 142 -9.69 -0.84 0.00
CA PRO C 142 -10.19 -1.75 1.05
C PRO C 142 -9.15 -1.84 2.15
N GLU C 143 -9.58 -1.68 3.39
CA GLU C 143 -8.68 -1.77 4.56
C GLU C 143 -8.14 -3.17 4.73
N GLY C 144 -8.86 -4.15 4.15
CA GLY C 144 -8.44 -5.55 4.10
C GLY C 144 -7.20 -5.71 3.27
N LEU C 145 -7.03 -4.83 2.29
CA LEU C 145 -5.85 -4.81 1.45
C LEU C 145 -4.74 -4.03 2.13
N GLU C 147 -4.39 -0.67 5.17
CA GLU C 147 -4.90 0.33 6.07
C GLU C 147 -4.56 1.79 5.69
N GLY C 148 -5.51 2.69 5.95
CA GLY C 148 -5.38 4.08 5.58
C GLY C 148 -5.45 4.36 4.09
N GLY C 149 -6.33 3.68 3.37
CA GLY C 149 -6.60 4.04 1.98
C GLY C 149 -7.99 4.61 1.66
N HIS C 150 -8.68 5.09 2.69
CA HIS C 150 -9.90 5.92 2.55
C HIS C 150 -9.59 7.39 2.88
N LYS C 151 -9.08 8.11 1.89
CA LYS C 151 -8.76 9.52 2.04
C LYS C 151 -8.90 10.38 0.80
N ILE C 152 -9.26 11.63 1.03
CA ILE C 152 -9.35 12.63 -0.02
C ILE C 152 -7.97 13.29 -0.05
N GLN C 153 -7.42 13.43 -1.25
CA GLN C 153 -6.25 14.25 -1.49
C GLN C 153 -6.68 15.57 -2.14
N ALA C 154 -6.28 16.69 -1.58
CA ALA C 154 -6.74 17.99 -2.08
C ALA C 154 -5.56 18.92 -2.26
N GLU C 155 -5.58 19.70 -3.35
CA GLU C 155 -4.42 20.48 -3.76
C GLU C 155 -4.78 21.88 -4.23
N LYS C 156 -4.00 22.85 -3.74
CA LYS C 156 -4.04 24.19 -4.26
C LYS C 156 -3.45 24.25 -5.68
N PRO C 157 -4.08 25.04 -6.57
CA PRO C 157 -3.57 25.35 -7.89
C PRO C 157 -2.17 25.96 -7.82
N LYS C 158 -1.29 25.48 -8.67
CA LYS C 158 0.07 25.98 -8.71
C LYS C 158 0.08 27.35 -9.40
N THR C 159 -1.04 27.68 -10.05
CA THR C 159 -1.11 28.74 -11.05
C THR C 159 -2.58 29.08 -11.33
N GLU C 160 -2.85 30.30 -11.81
CA GLU C 160 -4.22 30.70 -12.20
C GLU C 160 -4.83 29.83 -13.34
N GLU C 161 -3.98 29.36 -14.24
CA GLU C 161 -4.37 28.45 -15.31
C GLU C 161 -4.65 27.02 -14.88
N ALA C 162 -3.86 26.52 -13.91
CA ALA C 162 -4.17 25.24 -13.23
C ALA C 162 -5.54 25.26 -12.53
N LYS C 163 -5.83 26.34 -11.82
CA LYS C 163 -7.15 26.56 -11.19
C LYS C 163 -8.34 26.48 -12.18
N LYS C 164 -8.21 27.23 -13.27
CA LYS C 164 -9.17 27.22 -14.34
C LYS C 164 -9.52 25.80 -14.82
N ARG C 165 -8.47 25.02 -15.11
CA ARG C 165 -8.56 23.65 -15.48
C ARG C 165 -9.23 22.76 -14.43
N HIS C 166 -8.82 22.87 -13.17
CA HIS C 166 -9.43 22.06 -12.13
C HIS C 166 -10.92 22.42 -12.04
N LEU C 167 -11.24 23.71 -12.17
CA LEU C 167 -12.64 24.13 -12.14
C LEU C 167 -13.48 23.71 -13.37
N GLU C 168 -12.85 23.59 -14.54
CA GLU C 168 -13.55 22.96 -15.66
C GLU C 168 -13.80 21.46 -15.38
N ASN C 169 -12.84 20.76 -14.79
CA ASN C 169 -13.09 19.34 -14.44
C ASN C 169 -14.26 19.17 -13.46
N LEU C 170 -14.27 20.02 -12.43
CA LEU C 170 -15.37 20.04 -11.45
C LEU C 170 -16.76 20.28 -12.07
N LYS C 171 -16.86 21.26 -12.97
CA LYS C 171 -18.12 21.46 -13.69
C LYS C 171 -18.53 20.16 -14.42
N LYS C 172 -17.60 19.54 -15.15
CA LYS C 172 -17.85 18.25 -15.79
C LYS C 172 -18.24 17.10 -14.83
N GLU C 173 -17.60 17.00 -13.69
CA GLU C 173 -17.97 15.97 -12.71
C GLU C 173 -19.34 16.28 -12.08
N PHE C 174 -19.60 17.58 -11.87
CA PHE C 174 -20.92 18.00 -11.40
C PHE C 174 -21.99 17.47 -12.36
N GLU C 175 -21.84 17.76 -13.65
CA GLU C 175 -22.76 17.28 -14.70
C GLU C 175 -22.83 15.74 -14.90
N GLU C 176 -21.70 15.06 -14.82
CA GLU C 176 -21.67 13.60 -15.01
C GLU C 176 -22.31 12.87 -13.83
N PHE C 177 -22.78 13.65 -12.85
CA PHE C 177 -23.36 13.12 -11.62
C PHE C 177 -24.88 13.28 -11.61
N ILE C 178 -25.38 14.44 -12.06
CA ILE C 178 -26.84 14.62 -12.18
C ILE C 178 -27.44 13.76 -13.33
N GLY C 179 -26.60 12.92 -13.94
CA GLY C 179 -27.02 11.94 -14.95
C GLY C 179 -27.51 10.62 -14.37
N GLU C 184 -31.26 10.27 -7.39
CA GLU C 184 -31.45 10.38 -5.95
C GLU C 184 -32.12 11.72 -5.60
N GLY C 185 -32.10 12.09 -4.34
CA GLY C 185 -32.70 13.37 -3.90
C GLY C 185 -31.68 14.32 -3.30
N LEU C 186 -30.57 13.76 -2.82
CA LEU C 186 -29.39 14.50 -2.34
C LEU C 186 -28.72 15.27 -3.51
N ILE C 187 -29.21 15.04 -4.73
CA ILE C 187 -28.92 15.91 -5.88
C ILE C 187 -29.03 17.39 -5.48
N LYS C 188 -30.12 17.79 -4.81
CA LYS C 188 -30.32 19.19 -4.41
C LYS C 188 -29.27 19.70 -3.40
N LYS C 189 -28.66 18.75 -2.69
CA LYS C 189 -27.57 19.01 -1.72
C LYS C 189 -26.27 19.29 -2.45
N VAL C 190 -25.96 18.47 -3.44
CA VAL C 190 -24.80 18.70 -4.31
C VAL C 190 -25.00 19.99 -5.15
N LYS C 191 -26.22 20.17 -5.69
CA LYS C 191 -26.63 21.37 -6.45
C LYS C 191 -26.39 22.66 -5.66
N GLU C 192 -26.78 22.67 -4.38
CA GLU C 192 -26.59 23.87 -3.55
C GLU C 192 -25.14 24.10 -3.15
N ARG C 193 -24.39 23.01 -3.04
CA ARG C 193 -22.94 23.12 -2.80
C ARG C 193 -22.16 23.75 -3.97
N TYR C 194 -22.40 23.27 -5.18
CA TYR C 194 -21.77 23.81 -6.39
C TYR C 194 -22.07 25.30 -6.67
N ASN C 195 -23.27 25.76 -6.30
CA ASN C 195 -23.53 27.22 -6.34
C ASN C 195 -22.59 27.91 -5.35
N PHE C 196 -21.49 28.40 -5.90
CA PHE C 196 -20.23 28.50 -5.16
C PHE C 196 -20.09 29.71 -4.26
#